data_6S08
#
_entry.id   6S08
#
_cell.length_a   111.995
_cell.length_b   114.860
_cell.length_c   39.822
_cell.angle_alpha   90.000
_cell.angle_beta   99.560
_cell.angle_gamma   90.000
#
_symmetry.space_group_name_H-M   'C 1 2 1'
#
loop_
_entity.id
_entity.type
_entity.pdbx_description
1 polymer Properdin
2 polymer Properdin
3 branched beta-D-glucopyranose-(1-3)-alpha-L-fucopyranose
4 non-polymer alpha-D-mannopyranose
5 non-polymer 'TRIETHYLENE GLYCOL'
6 non-polymer 'SODIUM ION'
7 non-polymer alpha-L-fucopyranose
8 water water
#
loop_
_entity_poly.entity_id
_entity_poly.type
_entity_poly.pdbx_seq_one_letter_code
_entity_poly.pdbx_strand_id
1 'polypeptide(L)'
;GSVAGGWGPWGPVSPCPVTCGLGQTMEQRTCNHPVPQHGGPFCAGDATRTHICNTAVPCPVDGEWDSWGEWSPCIRRNMK
SISCQEIPGQQSRGRTCRGRKFDGHRCAGQQQDIRHCYSIQHCPLKGSWSEWSTWGLCMPPCGPNPTRARQRLCTPLLPK
YPPTVSMVEGQGEKNVTFWGRPLPRCEELQGQKLVVEEKRPCLHVPACKDPEEEELAAAHHHHHH
;
A
2 'polypeptide(L)'
;GSDPVLCFTQYEESSGKCKGLLGGGVSVEDCCLNTAFAYQKRSGGLCQPCRSPRWSLWSTWAPCSVTCSEGSQLRYRRCV
GWNGQCSGKVAPGTLEWQLQACEDQQCAAA
;
B
#
# COMPACT_ATOMS: atom_id res chain seq x y z
N SER A 2 -23.15 -50.73 32.39
CA SER A 2 -24.54 -51.24 32.12
C SER A 2 -24.98 -50.92 30.68
N VAL A 3 -25.14 -49.65 30.30
CA VAL A 3 -25.56 -49.23 28.92
C VAL A 3 -24.55 -48.24 28.33
N ALA A 4 -23.94 -48.64 27.21
CA ALA A 4 -23.03 -47.84 26.34
C ALA A 4 -23.85 -46.73 25.65
N GLY A 5 -23.36 -45.50 25.68
CA GLY A 5 -23.96 -44.38 24.94
C GLY A 5 -24.02 -44.66 23.43
N GLY A 6 -25.05 -44.13 22.75
CA GLY A 6 -25.12 -44.03 21.29
C GLY A 6 -25.59 -42.65 20.83
N TRP A 7 -25.09 -42.20 19.68
CA TRP A 7 -25.40 -40.89 19.04
C TRP A 7 -26.81 -40.96 18.45
N GLY A 8 -27.62 -39.92 18.65
CA GLY A 8 -28.83 -39.70 17.85
C GLY A 8 -28.48 -39.17 16.46
N PRO A 9 -29.50 -38.84 15.63
CA PRO A 9 -29.28 -38.39 14.27
C PRO A 9 -28.74 -36.95 14.27
N TRP A 10 -27.99 -36.59 13.23
CA TRP A 10 -27.60 -35.19 12.94
C TRP A 10 -28.86 -34.34 12.90
N GLY A 11 -28.86 -33.24 13.63
CA GLY A 11 -29.93 -32.24 13.61
C GLY A 11 -29.78 -31.28 12.43
N PRO A 12 -30.73 -30.33 12.27
CA PRO A 12 -30.69 -29.38 11.18
C PRO A 12 -29.50 -28.42 11.29
N VAL A 13 -29.17 -27.80 10.18
CA VAL A 13 -28.13 -26.75 10.08
C VAL A 13 -28.64 -25.52 10.85
N SER A 14 -27.83 -25.02 11.80
CA SER A 14 -28.14 -23.80 12.57
C SER A 14 -28.12 -22.58 11.64
N PRO A 15 -28.86 -21.50 11.94
CA PRO A 15 -28.78 -20.28 11.14
C PRO A 15 -27.33 -19.75 11.11
N CYS A 16 -26.89 -19.26 9.95
CA CYS A 16 -25.56 -18.62 9.77
C CYS A 16 -25.42 -17.57 10.85
N PRO A 17 -24.32 -17.59 11.64
CA PRO A 17 -24.12 -16.65 12.74
C PRO A 17 -23.66 -15.24 12.36
N VAL A 18 -23.47 -14.95 11.09
CA VAL A 18 -23.01 -13.63 10.58
C VAL A 18 -24.17 -13.01 9.80
N THR A 19 -24.19 -11.69 9.65
CA THR A 19 -25.26 -10.98 8.92
C THR A 19 -24.74 -10.57 7.54
N CYS A 20 -23.47 -10.84 7.22
CA CYS A 20 -22.88 -10.56 5.88
C CYS A 20 -21.68 -11.48 5.59
N GLY A 21 -21.43 -11.72 4.30
CA GLY A 21 -20.32 -12.57 3.83
C GLY A 21 -20.49 -14.03 4.27
N LEU A 22 -19.37 -14.73 4.42
CA LEU A 22 -19.33 -16.17 4.78
C LEU A 22 -19.24 -16.30 6.29
N GLY A 23 -19.77 -17.40 6.83
CA GLY A 23 -19.63 -17.81 8.23
C GLY A 23 -19.44 -19.31 8.38
N GLN A 24 -19.41 -19.75 9.63
CA GLN A 24 -19.35 -21.19 9.98
C GLN A 24 -20.65 -21.54 10.67
N THR A 25 -21.43 -22.43 10.08
CA THR A 25 -22.57 -23.08 10.77
C THR A 25 -22.19 -24.54 11.03
N MET A 26 -23.15 -25.33 11.51
CA MET A 26 -22.92 -26.73 11.94
C MET A 26 -24.24 -27.48 12.12
N GLU A 27 -24.15 -28.80 12.13
CA GLU A 27 -25.22 -29.71 12.58
C GLU A 27 -24.64 -30.42 13.81
N GLN A 28 -25.50 -30.69 14.79
CA GLN A 28 -25.14 -31.37 16.06
C GLN A 28 -25.97 -32.64 16.24
N ARG A 29 -25.42 -33.55 17.04
CA ARG A 29 -26.11 -34.78 17.51
C ARG A 29 -25.81 -34.94 19.00
N THR A 30 -26.59 -35.77 19.70
CA THR A 30 -26.37 -36.02 21.15
C THR A 30 -26.29 -37.52 21.42
N CYS A 31 -25.47 -37.84 22.42
CA CYS A 31 -25.27 -39.19 23.02
C CYS A 31 -26.49 -39.51 23.91
N ASN A 32 -27.59 -39.92 23.30
CA ASN A 32 -28.86 -40.18 24.03
C ASN A 32 -29.71 -41.24 23.31
N HIS A 33 -29.06 -42.10 22.52
CA HIS A 33 -29.67 -43.10 21.62
C HIS A 33 -28.83 -44.37 21.64
N PRO A 34 -28.63 -45.03 22.81
CA PRO A 34 -29.20 -44.60 24.08
C PRO A 34 -28.26 -43.71 24.88
N VAL A 35 -28.78 -43.11 25.95
CA VAL A 35 -27.97 -42.37 26.94
C VAL A 35 -27.15 -43.40 27.72
N PRO A 36 -25.87 -43.12 28.04
CA PRO A 36 -25.07 -44.00 28.91
C PRO A 36 -25.69 -44.19 30.30
N GLN A 37 -25.59 -45.40 30.87
CA GLN A 37 -26.11 -45.72 32.22
C GLN A 37 -25.12 -46.61 32.98
N HIS A 38 -25.13 -46.47 34.31
CA HIS A 38 -24.33 -47.21 35.32
C HIS A 38 -22.94 -47.56 34.77
N GLY A 39 -22.18 -46.53 34.42
CA GLY A 39 -20.74 -46.63 34.14
C GLY A 39 -20.45 -47.03 32.71
N GLY A 40 -21.48 -47.18 31.88
CA GLY A 40 -21.31 -47.52 30.45
C GLY A 40 -20.65 -46.35 29.72
N PRO A 41 -19.80 -46.62 28.71
CA PRO A 41 -19.07 -45.54 28.01
C PRO A 41 -19.96 -44.46 27.37
N PHE A 42 -19.43 -43.24 27.31
CA PHE A 42 -19.96 -42.12 26.49
C PHE A 42 -19.62 -42.42 25.02
N CYS A 43 -20.32 -41.77 24.08
CA CYS A 43 -20.19 -42.00 22.62
C CYS A 43 -18.82 -41.50 22.14
N ALA A 44 -18.15 -42.30 21.32
CA ALA A 44 -16.87 -41.90 20.68
C ALA A 44 -17.16 -41.15 19.38
N GLY A 45 -16.36 -40.11 19.13
CA GLY A 45 -16.41 -39.31 17.89
C GLY A 45 -16.99 -37.94 18.16
N ASP A 46 -17.40 -37.26 17.10
CA ASP A 46 -17.80 -35.82 17.09
C ASP A 46 -19.31 -35.63 17.32
N ALA A 47 -19.66 -34.73 18.24
CA ALA A 47 -21.03 -34.23 18.49
C ALA A 47 -21.40 -33.14 17.47
N THR A 48 -20.41 -32.58 16.77
CA THR A 48 -20.61 -31.39 15.89
C THR A 48 -20.00 -31.69 14.52
N ARG A 49 -20.56 -31.11 13.47
CA ARG A 49 -20.07 -31.20 12.08
C ARG A 49 -20.26 -29.80 11.47
N THR A 50 -19.19 -29.12 11.10
CA THR A 50 -19.25 -27.66 10.73
C THR A 50 -19.35 -27.53 9.21
N HIS A 51 -19.98 -26.45 8.76
CA HIS A 51 -20.01 -26.08 7.32
C HIS A 51 -19.71 -24.59 7.25
N ILE A 52 -19.17 -24.13 6.12
CA ILE A 52 -19.20 -22.69 5.71
C ILE A 52 -20.62 -22.38 5.19
N CYS A 53 -21.23 -21.31 5.69
CA CYS A 53 -22.53 -20.77 5.17
C CYS A 53 -22.27 -19.44 4.49
N ASN A 54 -22.90 -19.23 3.34
CA ASN A 54 -22.89 -17.96 2.58
C ASN A 54 -24.20 -17.23 2.90
N THR A 55 -24.14 -15.98 3.39
CA THR A 55 -25.32 -15.08 3.52
C THR A 55 -25.64 -14.50 2.15
N ALA A 56 -24.65 -14.48 1.24
CA ALA A 56 -24.74 -13.85 -0.11
C ALA A 56 -24.95 -12.34 0.05
N VAL A 57 -24.75 -11.80 1.25
CA VAL A 57 -24.87 -10.35 1.57
C VAL A 57 -23.46 -9.76 1.74
N PRO A 58 -23.12 -8.66 1.02
CA PRO A 58 -21.82 -8.00 1.19
C PRO A 58 -21.77 -7.17 2.47
N CYS A 59 -20.65 -7.15 3.19
CA CYS A 59 -20.47 -6.34 4.42
C CYS A 59 -20.24 -4.88 4.05
N PRO A 60 -20.55 -3.94 4.97
CA PRO A 60 -20.27 -2.53 4.75
C PRO A 60 -18.75 -2.40 4.53
N VAL A 61 -18.37 -1.40 3.74
CA VAL A 61 -16.96 -1.02 3.51
C VAL A 61 -16.85 0.48 3.86
N ASP A 62 -16.10 0.78 4.92
CA ASP A 62 -15.79 2.16 5.38
C ASP A 62 -14.98 2.84 4.29
N GLY A 63 -15.26 4.12 4.04
CA GLY A 63 -14.42 4.96 3.17
C GLY A 63 -13.05 5.11 3.79
N GLU A 64 -12.08 5.44 2.94
CA GLU A 64 -10.68 5.72 3.33
C GLU A 64 -10.17 6.91 2.49
N TRP A 65 -9.58 7.91 3.14
CA TRP A 65 -8.88 9.06 2.51
C TRP A 65 -7.88 8.58 1.47
N ASP A 66 -7.96 9.09 0.25
CA ASP A 66 -6.86 9.06 -0.75
C ASP A 66 -5.78 10.01 -0.24
N SER A 67 -4.61 10.06 -0.89
CA SER A 67 -3.57 11.04 -0.48
C SER A 67 -3.93 12.42 -1.06
N TRP A 68 -3.44 13.46 -0.41
CA TRP A 68 -3.72 14.87 -0.78
C TRP A 68 -3.46 15.05 -2.26
N GLY A 69 -4.39 15.72 -2.96
CA GLY A 69 -4.20 16.27 -4.30
C GLY A 69 -3.17 17.39 -4.27
N GLU A 70 -2.91 17.96 -5.44
CA GLU A 70 -1.93 19.06 -5.62
C GLU A 70 -2.48 20.39 -5.06
N TRP A 71 -1.59 21.24 -4.58
CA TRP A 71 -1.90 22.64 -4.19
C TRP A 71 -2.42 23.37 -5.43
N SER A 72 -3.56 24.04 -5.30
CA SER A 72 -4.09 24.96 -6.32
C SER A 72 -3.11 26.13 -6.47
N PRO A 73 -3.19 26.91 -7.58
CA PRO A 73 -2.27 28.03 -7.77
C PRO A 73 -2.36 29.04 -6.63
N CYS A 74 -1.23 29.63 -6.26
CA CYS A 74 -1.14 30.75 -5.27
C CYS A 74 -1.79 32.00 -5.87
N ILE A 75 -2.91 32.46 -5.30
CA ILE A 75 -3.62 33.68 -5.79
C ILE A 75 -4.20 34.44 -4.60
N ARG A 76 -4.30 35.75 -4.76
CA ARG A 76 -4.98 36.69 -3.82
C ARG A 76 -6.28 37.15 -4.45
N ARG A 77 -7.42 36.88 -3.81
CA ARG A 77 -8.75 37.42 -4.19
C ARG A 77 -8.64 38.91 -4.55
N ASN A 78 -9.03 39.27 -5.77
CA ASN A 78 -9.17 40.68 -6.24
C ASN A 78 -7.78 41.28 -6.45
N MET A 79 -6.82 40.46 -6.89
CA MET A 79 -5.54 40.90 -7.51
C MET A 79 -5.25 40.03 -8.75
N LYS A 80 -5.01 40.68 -9.90
CA LYS A 80 -4.78 40.01 -11.21
C LYS A 80 -3.62 39.01 -11.06
N SER A 81 -2.54 39.42 -10.38
CA SER A 81 -1.23 38.71 -10.39
C SER A 81 -0.37 39.12 -9.20
N ILE A 82 0.14 38.14 -8.45
CA ILE A 82 0.99 38.33 -7.22
C ILE A 82 2.38 37.69 -7.41
N SER A 83 2.60 36.99 -8.53
CA SER A 83 3.86 36.27 -8.78
C SER A 83 5.02 37.27 -8.89
N CYS A 84 6.18 36.89 -8.34
CA CYS A 84 7.43 37.68 -8.29
C CYS A 84 7.21 38.95 -7.44
N GLN A 85 6.24 38.94 -6.52
CA GLN A 85 5.92 40.09 -5.64
C GLN A 85 5.73 39.61 -4.20
N GLU A 86 6.05 40.50 -3.26
CA GLU A 86 6.01 40.26 -1.80
C GLU A 86 4.57 40.50 -1.34
N ILE A 87 3.65 39.71 -1.87
CA ILE A 87 2.18 39.81 -1.66
C ILE A 87 1.70 38.41 -1.38
N PRO A 88 1.44 38.05 -0.10
CA PRO A 88 0.88 36.75 0.25
C PRO A 88 -0.39 36.45 -0.54
N GLY A 89 -0.52 35.22 -1.05
CA GLY A 89 -1.78 34.69 -1.60
C GLY A 89 -2.29 33.57 -0.74
N GLN A 90 -3.23 32.78 -1.29
CA GLN A 90 -3.70 31.53 -0.64
C GLN A 90 -3.92 30.45 -1.69
N GLN A 91 -3.81 29.21 -1.27
CA GLN A 91 -4.06 28.02 -2.11
C GLN A 91 -4.65 26.91 -1.22
N SER A 92 -5.33 25.96 -1.85
CA SER A 92 -5.88 24.77 -1.15
C SER A 92 -5.60 23.49 -1.94
N ARG A 93 -5.72 22.37 -1.24
CA ARG A 93 -5.63 21.02 -1.84
C ARG A 93 -6.62 20.14 -1.12
N GLY A 94 -7.10 19.11 -1.80
CA GLY A 94 -8.14 18.21 -1.29
C GLY A 94 -7.71 16.76 -1.37
N ARG A 95 -8.52 15.89 -0.77
CA ARG A 95 -8.40 14.42 -0.82
C ARG A 95 -9.82 13.85 -0.80
N THR A 96 -9.99 12.66 -1.37
CA THR A 96 -11.30 12.01 -1.61
C THR A 96 -11.40 10.79 -0.70
N CYS A 97 -12.54 10.65 -0.02
CA CYS A 97 -12.97 9.41 0.67
C CYS A 97 -13.24 8.36 -0.41
N ARG A 98 -12.40 7.33 -0.50
CA ARG A 98 -12.46 6.28 -1.55
C ARG A 98 -12.96 4.96 -0.93
N GLY A 99 -13.79 4.22 -1.67
CA GLY A 99 -14.14 2.80 -1.39
C GLY A 99 -15.33 2.60 -0.45
N ARG A 100 -15.93 3.67 0.08
CA ARG A 100 -17.11 3.63 0.98
C ARG A 100 -18.26 2.95 0.25
N LYS A 101 -18.94 1.98 0.87
CA LYS A 101 -19.81 1.03 0.14
C LYS A 101 -20.77 0.31 1.10
N PHE A 102 -21.97 -0.03 0.59
CA PHE A 102 -23.03 -0.75 1.32
C PHE A 102 -23.16 -0.22 2.73
N ASP A 103 -23.30 1.11 2.87
CA ASP A 103 -23.69 1.77 4.15
C ASP A 103 -22.48 1.79 5.08
N GLY A 104 -21.28 1.67 4.54
CA GLY A 104 -20.04 1.81 5.33
C GLY A 104 -19.91 3.23 5.83
N HIS A 105 -19.03 3.46 6.82
CA HIS A 105 -18.70 4.78 7.43
C HIS A 105 -18.03 5.69 6.40
N ARG A 106 -18.42 6.96 6.41
CA ARG A 106 -17.70 8.09 5.79
C ARG A 106 -16.39 8.28 6.55
N CYS A 107 -15.41 8.89 5.91
CA CYS A 107 -14.08 9.24 6.46
C CYS A 107 -14.24 10.33 7.55
N ALA A 108 -13.37 10.30 8.56
CA ALA A 108 -13.28 11.33 9.63
C ALA A 108 -12.04 12.19 9.38
N GLY A 109 -12.15 13.50 9.61
CA GLY A 109 -11.03 14.45 9.42
C GLY A 109 -11.31 15.43 8.31
N GLN A 110 -10.31 16.28 8.01
CA GLN A 110 -10.40 17.41 7.05
C GLN A 110 -10.30 16.88 5.63
N GLN A 111 -11.26 17.23 4.78
CA GLN A 111 -11.22 16.93 3.33
C GLN A 111 -10.31 17.93 2.59
N GLN A 112 -10.25 19.19 3.07
CA GLN A 112 -9.58 20.33 2.37
C GLN A 112 -8.42 20.85 3.23
N ASP A 113 -7.31 21.23 2.59
CA ASP A 113 -6.09 21.80 3.24
C ASP A 113 -5.81 23.20 2.64
N ILE A 114 -5.59 24.20 3.50
CA ILE A 114 -5.50 25.65 3.14
C ILE A 114 -4.22 26.23 3.76
N ARG A 115 -3.55 27.13 3.04
CA ARG A 115 -2.34 27.82 3.53
C ARG A 115 -2.10 29.11 2.76
N HIS A 116 -1.36 30.03 3.37
CA HIS A 116 -0.77 31.22 2.70
C HIS A 116 0.49 30.84 1.93
N CYS A 117 0.66 31.43 0.76
CA CYS A 117 1.82 31.19 -0.12
C CYS A 117 2.35 32.53 -0.64
N TYR A 118 3.59 32.55 -1.13
CA TYR A 118 4.16 33.50 -2.12
C TYR A 118 4.27 32.78 -3.47
N SER A 119 3.84 33.38 -4.56
CA SER A 119 3.96 32.84 -5.95
C SER A 119 5.31 33.24 -6.56
N ILE A 120 6.18 32.26 -6.83
CA ILE A 120 7.40 32.42 -7.68
C ILE A 120 7.22 31.59 -8.95
N GLN A 121 5.97 31.21 -9.28
CA GLN A 121 5.59 30.55 -10.56
C GLN A 121 6.15 31.38 -11.73
N HIS A 122 7.00 30.76 -12.55
CA HIS A 122 7.64 31.33 -13.76
C HIS A 122 8.47 32.56 -13.44
N CYS A 123 8.86 32.77 -12.18
CA CYS A 123 9.65 33.98 -11.78
C CYS A 123 11.13 33.71 -12.00
N PRO A 124 11.83 34.53 -12.81
CA PRO A 124 13.27 34.37 -12.98
C PRO A 124 13.97 34.81 -11.69
N LEU A 125 14.82 33.97 -11.12
CA LEU A 125 15.60 34.25 -9.90
C LEU A 125 17.07 34.02 -10.21
N LYS A 126 17.96 34.65 -9.45
CA LYS A 126 19.41 34.33 -9.44
C LYS A 126 19.53 32.92 -8.84
N GLY A 127 20.38 32.09 -9.44
CA GLY A 127 20.69 30.73 -8.95
C GLY A 127 22.16 30.62 -8.57
N SER A 128 22.50 29.59 -7.81
CA SER A 128 23.87 29.06 -7.65
C SER A 128 23.82 27.54 -7.81
N TRP A 129 24.91 26.95 -8.26
CA TRP A 129 25.03 25.48 -8.48
C TRP A 129 25.06 24.75 -7.15
N SER A 130 24.26 23.68 -7.06
CA SER A 130 24.28 22.75 -5.92
C SER A 130 25.53 21.87 -6.03
N GLU A 131 25.94 21.26 -4.93
CA GLU A 131 26.86 20.09 -4.91
C GLU A 131 26.12 18.88 -5.48
N TRP A 132 26.87 17.85 -5.88
CA TRP A 132 26.30 16.58 -6.35
C TRP A 132 25.24 16.08 -5.39
N SER A 133 24.09 15.63 -5.90
CA SER A 133 23.11 14.78 -5.18
C SER A 133 23.82 13.45 -4.83
N THR A 134 23.27 12.66 -3.91
CA THR A 134 23.69 11.24 -3.76
C THR A 134 23.26 10.50 -5.03
N TRP A 135 23.94 9.41 -5.33
CA TRP A 135 23.66 8.54 -6.50
C TRP A 135 22.22 8.05 -6.39
N GLY A 136 21.44 8.20 -7.46
CA GLY A 136 20.05 7.74 -7.50
C GLY A 136 19.97 6.22 -7.56
N LEU A 137 18.77 5.68 -7.75
CA LEU A 137 18.59 4.21 -7.90
C LEU A 137 19.22 3.78 -9.22
N CYS A 138 19.55 2.49 -9.34
CA CYS A 138 19.94 1.85 -10.61
C CYS A 138 18.70 1.64 -11.46
N MET A 139 18.68 2.20 -12.67
CA MET A 139 17.53 2.14 -13.60
C MET A 139 18.02 1.58 -14.94
N PRO A 140 17.30 0.62 -15.56
CA PRO A 140 16.16 -0.06 -14.95
C PRO A 140 16.59 -1.10 -13.92
N PRO A 141 15.80 -1.34 -12.84
CA PRO A 141 16.22 -2.25 -11.79
C PRO A 141 16.18 -3.73 -12.23
N CYS A 142 15.34 -4.06 -13.22
CA CYS A 142 15.21 -5.45 -13.76
C CYS A 142 15.65 -5.55 -15.21
N GLY A 143 15.63 -4.45 -15.96
CA GLY A 143 16.13 -4.40 -17.35
C GLY A 143 17.62 -4.66 -17.41
N PRO A 144 18.22 -4.56 -18.61
CA PRO A 144 19.58 -5.08 -18.85
C PRO A 144 20.79 -4.18 -18.53
N ASN A 145 20.57 -2.88 -18.27
CA ASN A 145 21.66 -1.86 -18.32
C ASN A 145 21.71 -1.00 -17.06
N PRO A 146 21.52 -1.56 -15.83
CA PRO A 146 21.23 -0.71 -14.68
C PRO A 146 22.36 0.33 -14.51
N THR A 147 21.99 1.61 -14.64
CA THR A 147 22.89 2.77 -14.45
CA THR A 147 22.88 2.77 -14.46
C THR A 147 22.27 3.69 -13.39
N ARG A 148 23.11 4.19 -12.47
CA ARG A 148 22.68 5.17 -11.43
C ARG A 148 23.27 6.53 -11.76
N ALA A 149 22.64 7.61 -11.30
CA ALA A 149 22.95 9.01 -11.67
C ALA A 149 23.02 9.89 -10.41
N ARG A 150 23.84 10.93 -10.46
CA ARG A 150 23.75 12.08 -9.53
C ARG A 150 23.78 13.34 -10.40
N GLN A 151 23.29 14.45 -9.86
CA GLN A 151 23.10 15.72 -10.60
C GLN A 151 23.50 16.89 -9.71
N ARG A 152 24.00 17.94 -10.36
CA ARG A 152 24.11 19.30 -9.80
C ARG A 152 23.01 20.14 -10.46
N LEU A 153 22.28 20.91 -9.65
CA LEU A 153 21.15 21.72 -10.14
C LEU A 153 21.45 23.20 -9.91
N CYS A 154 21.09 24.03 -10.89
CA CYS A 154 20.92 25.49 -10.68
C CYS A 154 19.78 25.67 -9.67
N THR A 155 20.15 26.00 -8.43
CA THR A 155 19.22 26.21 -7.29
C THR A 155 18.85 27.68 -7.22
N PRO A 156 17.54 28.04 -7.31
CA PRO A 156 17.12 29.42 -7.18
C PRO A 156 17.47 29.96 -5.79
N LEU A 157 17.92 31.21 -5.73
CA LEU A 157 18.06 32.01 -4.48
C LEU A 157 16.71 32.71 -4.27
N LEU A 158 15.98 32.25 -3.24
CA LEU A 158 14.61 32.68 -2.89
C LEU A 158 14.70 34.04 -2.25
N PRO A 159 13.72 34.94 -2.50
CA PRO A 159 13.74 36.27 -1.92
C PRO A 159 13.60 36.24 -0.39
N LYS A 160 14.24 37.19 0.29
CA LYS A 160 14.16 37.39 1.76
C LYS A 160 12.82 38.07 2.06
N TYR A 161 11.72 37.32 1.94
CA TYR A 161 10.37 37.76 2.33
C TYR A 161 10.12 37.31 3.76
N PRO A 162 9.25 38.02 4.52
CA PRO A 162 8.90 37.56 5.86
C PRO A 162 8.28 36.16 5.79
N PRO A 163 8.66 35.25 6.71
CA PRO A 163 8.13 33.88 6.72
C PRO A 163 6.70 33.80 7.29
N THR A 164 6.29 34.80 8.07
CA THR A 164 4.92 34.88 8.63
C THR A 164 4.42 36.33 8.55
N VAL A 165 3.11 36.56 8.67
CA VAL A 165 2.49 37.86 8.27
C VAL A 165 1.25 38.17 9.13
N GLY A 172 -3.81 36.10 14.38
CA GLY A 172 -3.60 35.82 12.94
C GLY A 172 -2.24 36.28 12.45
N GLU A 173 -1.16 35.72 13.03
CA GLU A 173 0.20 35.71 12.43
C GLU A 173 0.40 34.31 11.85
N LYS A 174 0.52 34.19 10.53
CA LYS A 174 0.43 32.89 9.80
C LYS A 174 1.62 32.71 8.85
N ASN A 175 2.00 31.44 8.62
CA ASN A 175 3.13 31.01 7.77
C ASN A 175 2.79 31.24 6.30
N VAL A 176 3.77 31.72 5.53
CA VAL A 176 3.68 31.94 4.07
C VAL A 176 4.78 31.11 3.40
N THR A 177 4.39 30.21 2.51
CA THR A 177 5.27 29.23 1.84
C THR A 177 5.48 29.67 0.39
N PHE A 178 6.72 29.66 -0.10
CA PHE A 178 6.98 29.82 -1.54
C PHE A 178 6.34 28.64 -2.28
N TRP A 179 5.73 28.92 -3.42
CA TRP A 179 5.08 27.94 -4.30
C TRP A 179 5.38 28.34 -5.74
N GLY A 180 5.48 27.37 -6.63
CA GLY A 180 5.63 27.63 -8.07
C GLY A 180 7.04 27.30 -8.49
N ARG A 181 7.22 27.04 -9.78
CA ARG A 181 8.53 26.67 -10.33
C ARG A 181 9.13 27.94 -10.92
N PRO A 182 10.14 28.53 -10.26
CA PRO A 182 10.82 29.71 -10.78
C PRO A 182 11.75 29.27 -11.91
N LEU A 183 12.45 30.24 -12.51
CA LEU A 183 13.40 30.03 -13.64
C LEU A 183 14.75 30.58 -13.19
N PRO A 184 15.57 29.74 -12.52
CA PRO A 184 16.81 30.22 -11.90
C PRO A 184 17.88 30.46 -12.96
N ARG A 185 18.68 31.52 -12.81
CA ARG A 185 19.68 31.97 -13.81
C ARG A 185 21.08 31.71 -13.25
N CYS A 186 21.86 30.82 -13.87
CA CYS A 186 23.22 30.41 -13.44
C CYS A 186 24.26 30.69 -14.52
N GLU A 187 25.53 30.82 -14.11
CA GLU A 187 26.72 30.61 -14.97
C GLU A 187 26.59 29.21 -15.59
N GLU A 188 26.91 29.06 -16.89
CA GLU A 188 27.01 27.74 -17.58
C GLU A 188 28.06 26.91 -16.82
N LEU A 189 27.73 25.67 -16.49
CA LEU A 189 28.65 24.68 -15.93
C LEU A 189 28.68 23.48 -16.88
N GLN A 190 29.85 23.22 -17.50
CA GLN A 190 30.07 22.09 -18.43
C GLN A 190 28.99 22.17 -19.51
N GLY A 191 28.72 23.37 -20.02
CA GLY A 191 27.79 23.62 -21.15
C GLY A 191 26.32 23.54 -20.78
N GLN A 192 25.97 23.41 -19.49
CA GLN A 192 24.55 23.33 -19.00
C GLN A 192 24.17 24.60 -18.24
N LYS A 193 22.90 25.02 -18.33
CA LYS A 193 22.39 26.22 -17.60
C LYS A 193 21.50 25.79 -16.41
N LEU A 194 21.08 24.52 -16.29
CA LEU A 194 20.07 24.08 -15.27
C LEU A 194 20.44 22.77 -14.57
N VAL A 195 20.89 21.75 -15.31
CA VAL A 195 21.17 20.39 -14.74
C VAL A 195 22.48 19.87 -15.32
N VAL A 196 23.41 19.47 -14.46
CA VAL A 196 24.63 18.67 -14.81
C VAL A 196 24.48 17.27 -14.19
N GLU A 197 24.57 16.22 -15.02
CA GLU A 197 24.34 14.82 -14.58
C GLU A 197 25.59 13.95 -14.81
N GLU A 198 25.91 13.10 -13.83
CA GLU A 198 26.88 11.98 -13.94
C GLU A 198 26.10 10.65 -13.90
N LYS A 199 26.46 9.69 -14.76
CA LYS A 199 25.93 8.29 -14.71
C LYS A 199 27.07 7.35 -14.35
N ARG A 200 26.76 6.17 -13.82
CA ARG A 200 27.71 5.03 -13.80
C ARG A 200 26.92 3.73 -13.71
N PRO A 201 27.42 2.66 -14.36
CA PRO A 201 26.78 1.35 -14.27
C PRO A 201 26.78 0.82 -12.83
N CYS A 202 25.71 0.10 -12.47
CA CYS A 202 25.67 -0.75 -11.25
C CYS A 202 26.34 -2.09 -11.59
N LEU A 203 27.14 -2.61 -10.67
CA LEU A 203 28.00 -3.81 -10.87
C LEU A 203 27.35 -5.05 -10.24
N HIS A 204 27.63 -6.21 -10.85
CA HIS A 204 27.25 -7.56 -10.35
C HIS A 204 25.75 -7.55 -10.07
N VAL A 205 24.98 -7.21 -11.09
CA VAL A 205 23.50 -7.00 -11.03
C VAL A 205 22.80 -8.33 -10.81
N PRO A 206 22.02 -8.49 -9.70
CA PRO A 206 21.09 -9.60 -9.54
C PRO A 206 19.94 -9.61 -10.54
N ALA A 207 19.26 -10.76 -10.69
CA ALA A 207 18.04 -10.97 -11.50
C ALA A 207 16.79 -10.85 -10.61
N CYS A 208 15.80 -10.05 -11.02
CA CYS A 208 14.52 -9.86 -10.29
C CYS A 208 13.67 -11.12 -10.36
N LYS A 209 13.53 -11.84 -9.25
CA LYS A 209 12.72 -13.09 -9.14
C LYS A 209 11.63 -12.91 -8.09
N ASP A 210 10.37 -12.97 -8.50
CA ASP A 210 9.20 -13.02 -7.59
C ASP A 210 9.54 -13.99 -6.47
N PRO A 211 9.61 -13.52 -5.19
CA PRO A 211 9.92 -14.40 -4.06
C PRO A 211 8.85 -15.47 -3.74
N GLU A 212 7.67 -15.38 -4.38
CA GLU A 212 6.61 -16.42 -4.34
C GLU A 212 6.67 -17.27 -5.62
N GLU A 213 7.83 -17.31 -6.29
CA GLU A 213 8.04 -18.12 -7.53
C GLU A 213 9.51 -18.53 -7.62
N ASP B 3 -12.30 -20.42 -9.65
CA ASP B 3 -11.25 -21.27 -9.02
C ASP B 3 -11.35 -21.14 -7.51
N PRO B 4 -11.62 -22.25 -6.77
CA PRO B 4 -11.83 -22.18 -5.33
C PRO B 4 -10.52 -21.88 -4.59
N VAL B 5 -10.64 -21.05 -3.55
CA VAL B 5 -9.50 -20.58 -2.72
C VAL B 5 -9.72 -21.05 -1.28
N LEU B 6 -8.68 -20.90 -0.47
CA LEU B 6 -8.76 -20.95 1.01
C LEU B 6 -9.00 -19.53 1.51
N CYS B 7 -10.06 -19.39 2.31
CA CYS B 7 -10.64 -18.14 2.86
C CYS B 7 -10.18 -18.03 4.32
N PHE B 8 -9.63 -16.89 4.70
CA PHE B 8 -9.16 -16.61 6.09
C PHE B 8 -10.01 -15.47 6.63
N THR B 9 -10.25 -15.46 7.93
CA THR B 9 -11.15 -14.50 8.63
C THR B 9 -10.37 -13.22 8.95
N GLN B 10 -9.03 -13.29 8.92
CA GLN B 10 -8.12 -12.21 9.38
C GLN B 10 -6.94 -12.12 8.43
N TYR B 11 -6.50 -10.89 8.19
CA TYR B 11 -5.28 -10.53 7.45
C TYR B 11 -4.38 -9.73 8.39
N GLU B 12 -3.07 -9.99 8.36
CA GLU B 12 -2.08 -9.36 9.26
C GLU B 12 -1.24 -8.40 8.41
N GLU B 13 -1.52 -7.10 8.53
CA GLU B 13 -0.87 -6.02 7.75
C GLU B 13 0.65 -6.13 7.86
N SER B 14 1.20 -6.07 9.08
CA SER B 14 2.67 -6.07 9.33
C SER B 14 3.34 -7.22 8.55
N SER B 15 2.82 -8.45 8.68
CA SER B 15 3.45 -9.68 8.13
C SER B 15 2.93 -9.99 6.72
N GLY B 16 1.70 -9.58 6.40
CA GLY B 16 0.99 -9.96 5.15
C GLY B 16 0.55 -11.42 5.17
N LYS B 17 0.33 -11.97 6.37
CA LYS B 17 -0.08 -13.38 6.59
C LYS B 17 -1.61 -13.46 6.67
N CYS B 18 -2.17 -14.51 6.09
CA CYS B 18 -3.55 -15.04 6.27
C CYS B 18 -3.67 -15.69 7.64
N LYS B 19 -4.72 -15.40 8.41
CA LYS B 19 -4.93 -16.01 9.75
C LYS B 19 -6.41 -16.37 9.90
N GLY B 20 -6.70 -17.44 10.63
CA GLY B 20 -8.08 -17.86 10.96
C GLY B 20 -8.80 -18.41 9.75
N LEU B 21 -8.33 -19.55 9.23
CA LEU B 21 -8.92 -20.25 8.06
C LEU B 21 -10.40 -20.54 8.33
N LEU B 22 -11.28 -20.05 7.46
CA LEU B 22 -12.70 -20.43 7.42
C LEU B 22 -12.78 -21.76 6.68
N GLY B 23 -12.10 -21.87 5.56
CA GLY B 23 -12.00 -23.14 4.80
C GLY B 23 -11.91 -22.87 3.32
N GLY B 24 -12.11 -23.92 2.52
CA GLY B 24 -11.98 -23.95 1.05
C GLY B 24 -13.31 -24.14 0.35
N GLY B 25 -13.27 -24.29 -0.98
CA GLY B 25 -14.45 -24.57 -1.81
C GLY B 25 -15.25 -23.31 -2.08
N VAL B 26 -14.66 -22.16 -1.77
CA VAL B 26 -15.30 -20.82 -1.97
C VAL B 26 -14.53 -20.06 -3.05
N SER B 27 -15.24 -19.24 -3.81
CA SER B 27 -14.63 -18.25 -4.72
C SER B 27 -14.05 -17.10 -3.89
N VAL B 28 -13.11 -16.38 -4.48
CA VAL B 28 -12.59 -15.06 -4.00
C VAL B 28 -13.78 -14.14 -3.78
N GLU B 29 -14.71 -14.12 -4.75
CA GLU B 29 -15.90 -13.24 -4.78
C GLU B 29 -16.66 -13.37 -3.46
N ASP B 30 -16.86 -14.61 -3.00
CA ASP B 30 -17.65 -14.95 -1.80
C ASP B 30 -16.81 -14.69 -0.56
N CYS B 31 -15.56 -15.13 -0.58
CA CYS B 31 -14.60 -14.84 0.51
C CYS B 31 -14.60 -13.33 0.81
N CYS B 32 -14.53 -12.49 -0.23
CA CYS B 32 -14.21 -11.05 -0.11
C CYS B 32 -15.48 -10.21 0.05
N LEU B 33 -16.67 -10.83 0.08
CA LEU B 33 -17.94 -10.17 0.50
C LEU B 33 -17.67 -9.46 1.81
N ASN B 34 -16.77 -10.02 2.62
CA ASN B 34 -16.19 -9.38 3.84
C ASN B 34 -14.77 -8.91 3.49
N THR B 35 -14.54 -7.61 3.40
CA THR B 35 -13.25 -7.02 2.98
C THR B 35 -12.21 -7.13 4.11
N ALA B 36 -12.63 -7.52 5.32
CA ALA B 36 -11.74 -7.85 6.45
C ALA B 36 -11.07 -9.22 6.24
N PHE B 37 -11.60 -10.06 5.34
CA PHE B 37 -11.09 -11.43 5.04
C PHE B 37 -9.86 -11.35 4.12
N ALA B 38 -9.21 -12.49 3.94
CA ALA B 38 -8.01 -12.66 3.09
C ALA B 38 -8.12 -14.03 2.45
N TYR B 39 -7.49 -14.26 1.30
CA TYR B 39 -7.47 -15.59 0.65
C TYR B 39 -6.07 -15.94 0.12
N GLN B 40 -5.91 -17.24 -0.15
CA GLN B 40 -4.70 -17.94 -0.64
C GLN B 40 -5.15 -18.97 -1.69
N LYS B 41 -4.35 -19.18 -2.74
CA LYS B 41 -4.53 -20.33 -3.67
C LYS B 41 -4.39 -21.60 -2.81
N ARG B 42 -5.09 -22.68 -3.18
CA ARG B 42 -4.94 -24.01 -2.52
C ARG B 42 -3.45 -24.43 -2.53
N SER B 43 -2.71 -24.18 -3.61
CA SER B 43 -1.28 -24.56 -3.74
C SER B 43 -0.43 -23.86 -2.68
N GLY B 44 -0.84 -22.68 -2.23
CA GLY B 44 -0.15 -21.88 -1.20
C GLY B 44 0.23 -20.54 -1.79
N GLY B 45 1.36 -20.00 -1.31
CA GLY B 45 1.95 -18.75 -1.81
C GLY B 45 1.29 -17.52 -1.22
N LEU B 46 1.16 -16.48 -2.04
CA LEU B 46 0.82 -15.11 -1.60
C LEU B 46 -0.58 -15.11 -0.99
N CYS B 47 -0.68 -14.66 0.26
CA CYS B 47 -1.96 -14.32 0.93
C CYS B 47 -2.39 -12.94 0.46
N GLN B 48 -3.59 -12.82 -0.13
CA GLN B 48 -4.17 -11.53 -0.60
C GLN B 48 -5.30 -11.10 0.34
N PRO B 49 -5.24 -9.88 0.90
CA PRO B 49 -6.38 -9.33 1.63
C PRO B 49 -7.52 -9.00 0.66
N CYS B 50 -8.74 -8.98 1.17
CA CYS B 50 -9.96 -8.63 0.41
C CYS B 50 -10.14 -7.11 0.36
N ARG B 51 -9.48 -6.36 1.25
CA ARG B 51 -9.51 -4.88 1.19
C ARG B 51 -9.04 -4.42 -0.20
N SER B 52 -9.36 -3.17 -0.56
CA SER B 52 -9.07 -2.60 -1.90
C SER B 52 -7.56 -2.46 -2.06
N PRO B 53 -7.05 -2.58 -3.30
CA PRO B 53 -5.61 -2.69 -3.54
C PRO B 53 -4.85 -1.42 -3.12
N ARG B 54 -3.67 -1.61 -2.51
CA ARG B 54 -2.69 -0.57 -2.12
C ARG B 54 -1.31 -1.21 -2.05
N TRP B 55 -0.25 -0.46 -2.32
CA TRP B 55 1.16 -0.93 -2.30
C TRP B 55 1.50 -1.37 -0.88
N SER B 56 2.23 -2.48 -0.76
CA SER B 56 2.88 -2.92 0.49
C SER B 56 4.14 -2.06 0.73
N LEU B 57 4.63 -2.05 1.97
CA LEU B 57 5.94 -1.45 2.30
C LEU B 57 7.03 -2.17 1.48
N TRP B 58 8.05 -1.43 1.04
CA TRP B 58 9.29 -2.00 0.48
C TRP B 58 9.81 -3.05 1.46
N SER B 59 10.25 -4.20 0.94
CA SER B 59 11.03 -5.21 1.70
C SER B 59 12.31 -4.52 2.19
N THR B 60 12.96 -5.04 3.23
CA THR B 60 14.35 -4.62 3.59
C THR B 60 15.24 -4.97 2.39
N TRP B 61 16.37 -4.25 2.25
CA TRP B 61 17.36 -4.50 1.18
C TRP B 61 17.86 -5.94 1.29
N ALA B 62 17.78 -6.72 0.20
CA ALA B 62 18.44 -8.04 0.07
C ALA B 62 19.95 -7.84 0.11
N PRO B 63 20.75 -8.83 0.58
CA PRO B 63 22.19 -8.62 0.76
C PRO B 63 22.98 -8.40 -0.54
N CYS B 64 24.17 -7.82 -0.39
CA CYS B 64 25.06 -7.33 -1.47
C CYS B 64 25.41 -8.46 -2.44
N SER B 65 25.23 -8.23 -3.75
CA SER B 65 25.42 -9.24 -4.83
C SER B 65 26.86 -9.80 -4.81
N VAL B 66 27.81 -9.05 -4.22
CA VAL B 66 29.24 -9.47 -4.05
C VAL B 66 29.60 -9.36 -2.57
N THR B 67 30.57 -10.16 -2.16
CA THR B 67 30.87 -10.50 -0.74
C THR B 67 31.62 -9.32 -0.11
N CYS B 68 32.52 -8.64 -0.83
CA CYS B 68 33.34 -7.50 -0.31
C CYS B 68 33.56 -6.38 -1.34
N SER B 69 33.48 -6.66 -2.64
CA SER B 69 33.61 -5.63 -3.72
C SER B 69 32.32 -4.80 -3.83
N GLU B 70 32.29 -3.80 -4.70
CA GLU B 70 31.05 -3.03 -5.05
C GLU B 70 30.14 -3.93 -5.89
N GLY B 71 28.93 -4.18 -5.40
CA GLY B 71 27.85 -4.81 -6.17
C GLY B 71 26.62 -3.94 -6.14
N SER B 72 25.47 -4.58 -6.26
CA SER B 72 24.13 -3.98 -6.15
C SER B 72 23.25 -4.89 -5.27
N GLN B 73 22.08 -4.39 -4.85
CA GLN B 73 21.11 -5.16 -4.03
C GLN B 73 19.70 -4.71 -4.41
N LEU B 74 18.73 -5.62 -4.33
CA LEU B 74 17.32 -5.36 -4.71
C LEU B 74 16.44 -5.21 -3.45
N ARG B 75 15.28 -4.61 -3.65
CA ARG B 75 14.11 -4.65 -2.74
C ARG B 75 12.88 -4.50 -3.62
N TYR B 76 11.71 -4.88 -3.10
CA TYR B 76 10.43 -4.91 -3.85
C TYR B 76 9.29 -4.48 -2.93
N ARG B 77 8.16 -4.16 -3.54
CA ARG B 77 6.84 -4.07 -2.88
C ARG B 77 5.82 -4.62 -3.86
N ARG B 78 4.61 -4.93 -3.38
CA ARG B 78 3.58 -5.60 -4.22
C ARG B 78 2.26 -4.87 -4.11
N CYS B 79 1.55 -4.77 -5.23
CA CYS B 79 0.12 -4.38 -5.24
C CYS B 79 -0.69 -5.52 -4.62
N VAL B 80 -1.27 -5.25 -3.45
CA VAL B 80 -1.85 -6.28 -2.55
C VAL B 80 -3.25 -5.80 -2.12
N GLY B 81 -4.26 -6.65 -2.33
CA GLY B 81 -5.68 -6.34 -2.10
C GLY B 81 -6.51 -6.96 -3.20
N TRP B 82 -7.73 -6.46 -3.41
CA TRP B 82 -8.73 -7.10 -4.30
C TRP B 82 -9.75 -6.09 -4.79
N ASN B 83 -10.13 -6.21 -6.07
CA ASN B 83 -11.25 -5.48 -6.73
C ASN B 83 -10.85 -4.02 -6.94
N GLY B 84 -9.80 -3.80 -7.74
CA GLY B 84 -9.27 -2.45 -8.01
C GLY B 84 -7.81 -2.48 -8.39
N GLN B 85 -7.13 -1.34 -8.27
CA GLN B 85 -5.74 -1.14 -8.75
C GLN B 85 -4.98 -0.17 -7.83
N CYS B 86 -3.66 -0.34 -7.73
CA CYS B 86 -2.70 0.51 -6.98
C CYS B 86 -2.29 1.69 -7.87
N SER B 87 -1.41 2.59 -7.38
CA SER B 87 -0.78 3.70 -8.16
C SER B 87 -0.34 3.19 -9.54
N GLY B 88 -0.81 3.86 -10.60
CA GLY B 88 -0.33 3.69 -11.98
C GLY B 88 -1.09 2.58 -12.69
N LYS B 89 -2.41 2.54 -12.54
CA LYS B 89 -3.32 1.54 -13.16
C LYS B 89 -2.69 0.14 -13.06
N VAL B 90 -2.40 -0.34 -11.83
CA VAL B 90 -1.61 -1.58 -11.55
C VAL B 90 -2.51 -2.64 -10.89
N ALA B 91 -2.36 -3.92 -11.27
CA ALA B 91 -3.20 -5.07 -10.83
C ALA B 91 -2.63 -5.68 -9.55
N PRO B 92 -3.50 -6.12 -8.61
CA PRO B 92 -3.07 -6.90 -7.45
C PRO B 92 -2.08 -8.01 -7.82
N GLY B 93 -1.04 -8.20 -6.99
CA GLY B 93 -0.01 -9.23 -7.20
C GLY B 93 1.22 -8.65 -7.89
N THR B 94 1.07 -7.52 -8.61
CA THR B 94 2.16 -6.85 -9.37
C THR B 94 3.28 -6.41 -8.41
N LEU B 95 4.50 -6.85 -8.70
CA LEU B 95 5.73 -6.40 -7.99
C LEU B 95 6.27 -5.09 -8.61
N GLU B 96 6.82 -4.22 -7.76
CA GLU B 96 7.70 -3.08 -8.16
C GLU B 96 9.04 -3.24 -7.48
N TRP B 97 10.12 -3.01 -8.22
CA TRP B 97 11.50 -3.32 -7.81
C TRP B 97 12.32 -2.02 -7.72
N GLN B 98 13.24 -1.95 -6.76
CA GLN B 98 14.30 -0.93 -6.68
C GLN B 98 15.65 -1.63 -6.58
N LEU B 99 16.62 -1.15 -7.37
CA LEU B 99 18.03 -1.63 -7.41
C LEU B 99 18.95 -0.51 -6.92
N GLN B 100 19.72 -0.79 -5.87
CA GLN B 100 20.65 0.13 -5.18
C GLN B 100 22.08 -0.39 -5.39
N ALA B 101 23.04 0.49 -5.69
CA ALA B 101 24.48 0.12 -5.65
C ALA B 101 24.84 -0.15 -4.20
N CYS B 102 25.89 -0.93 -4.01
CA CYS B 102 26.13 -1.71 -2.79
C CYS B 102 27.64 -1.96 -2.68
N GLU B 103 28.22 -1.83 -1.48
CA GLU B 103 29.57 -2.38 -1.20
C GLU B 103 29.61 -2.84 0.26
N ASP B 104 29.97 -4.10 0.49
CA ASP B 104 29.80 -4.77 1.81
C ASP B 104 30.90 -4.30 2.76
N GLN B 105 32.17 -4.46 2.38
CA GLN B 105 33.37 -4.10 3.20
C GLN B 105 34.39 -3.37 2.32
N GLN B 106 35.29 -2.59 2.93
CA GLN B 106 36.34 -1.80 2.22
C GLN B 106 37.38 -2.76 1.64
N CYS B 107 37.02 -3.46 0.56
CA CYS B 107 37.79 -4.54 -0.10
C CYS B 107 38.05 -4.16 -1.57
#